data_6XKS
#
_entry.id   6XKS
#
_cell.length_a   46.597
_cell.length_b   87.785
_cell.length_c   109.154
_cell.angle_alpha   90.000
_cell.angle_beta   90.000
_cell.angle_gamma   90.000
#
_symmetry.space_group_name_H-M   'P 21 21 21'
#
loop_
_entity.id
_entity.type
_entity.pdbx_description
1 polymer 'Histidine ABC transporter substrate-binding protein HisJ'
2 non-polymer 'ACETATE ION'
3 non-polymer DI(HYDROXYETHYL)ETHER
4 water water
#
_entity_poly.entity_id   1
_entity_poly.type   'polypeptide(L)'
_entity_poly.pdbx_seq_one_letter_code
;ALPQTVRIGTDTTYAPFSSKDAKGEFIGFDIDLGNEMCKRMQVKCTWVASDFDALIPSLKAKKIDAIISSLSITDKRQQE
IAFSDKLYAADVKDKKYFGDGTGVGLRKDDTELKAAFDKALTELRQDGTYDKMAKKYFDFNVYGD
;
_entity_poly.pdbx_strand_id   A,B,C
#
# COMPACT_ATOMS: atom_id res chain seq x y z
N LEU A 2 6.79 32.54 -0.11
CA LEU A 2 6.11 31.55 0.73
C LEU A 2 4.64 31.93 0.94
N PRO A 3 3.73 31.05 0.56
CA PRO A 3 2.30 31.34 0.76
C PRO A 3 1.90 31.08 2.21
N GLN A 4 0.70 31.56 2.57
CA GLN A 4 0.13 31.14 3.85
C GLN A 4 0.10 29.63 3.90
N THR A 5 -0.53 29.01 2.88
CA THR A 5 -0.83 27.58 2.86
C THR A 5 0.30 26.72 2.33
N VAL A 6 0.46 25.56 2.96
CA VAL A 6 1.23 24.44 2.42
C VAL A 6 0.37 23.18 2.61
N ARG A 7 0.04 22.50 1.52
CA ARG A 7 -0.70 21.23 1.58
C ARG A 7 0.37 20.17 1.63
N ILE A 8 0.30 19.20 2.52
CA ILE A 8 1.25 18.10 2.67
C ILE A 8 0.51 16.79 2.43
N GLY A 9 0.89 16.08 1.37
CA GLY A 9 0.34 14.78 1.13
C GLY A 9 1.11 13.69 1.88
N THR A 10 0.38 12.66 2.31
CA THR A 10 0.98 11.57 3.04
C THR A 10 0.09 10.34 2.96
N ASP A 11 0.73 9.18 2.98
CA ASP A 11 0.06 7.88 2.96
C ASP A 11 -0.10 7.42 4.40
N THR A 12 -1.33 7.44 4.91
CA THR A 12 -1.60 7.22 6.33
C THR A 12 -1.74 5.76 6.69
N THR A 13 -0.92 4.88 6.10
CA THR A 13 -0.95 3.46 6.41
C THR A 13 0.40 2.97 6.89
N TYR A 14 1.15 3.80 7.62
CA TYR A 14 2.48 3.43 8.08
C TYR A 14 2.79 4.04 9.45
N ALA A 15 2.01 3.65 10.45
CA ALA A 15 2.40 3.90 11.82
C ALA A 15 3.77 3.25 12.08
N PRO A 16 4.62 3.88 12.90
CA PRO A 16 4.38 5.09 13.68
C PRO A 16 4.81 6.38 12.99
N PHE A 17 4.98 6.34 11.68
CA PHE A 17 5.41 7.53 10.93
C PHE A 17 4.21 8.35 10.45
N SER A 18 3.25 7.70 9.81
CA SER A 18 2.06 8.39 9.31
C SER A 18 0.90 7.43 9.34
N SER A 19 -0.16 7.80 10.07
CA SER A 19 -1.36 7.00 10.23
C SER A 19 -2.44 7.92 10.77
N LYS A 20 -3.64 7.37 10.97
CA LYS A 20 -4.77 8.15 11.44
C LYS A 20 -5.36 7.47 12.67
N ASP A 21 -5.68 8.28 13.68
CA ASP A 21 -6.17 7.76 14.95
C ASP A 21 -7.68 7.52 14.88
N ALA A 22 -8.24 7.08 16.00
CA ALA A 22 -9.69 6.84 16.05
C ALA A 22 -10.46 8.11 15.72
N LYS A 23 -10.00 9.26 16.19
CA LYS A 23 -10.68 10.53 15.94
C LYS A 23 -10.32 11.13 14.59
N GLY A 24 -9.54 10.44 13.77
CA GLY A 24 -9.25 10.89 12.42
C GLY A 24 -8.07 11.82 12.28
N GLU A 25 -7.38 12.15 13.37
CA GLU A 25 -6.25 13.06 13.30
C GLU A 25 -5.03 12.36 12.71
N PHE A 26 -4.22 13.12 11.99
CA PHE A 26 -2.96 12.61 11.47
C PHE A 26 -1.96 12.46 12.61
N ILE A 27 -1.30 11.30 12.67
CA ILE A 27 -0.41 10.98 13.78
C ILE A 27 0.83 10.28 13.24
N GLY A 28 1.95 10.47 13.94
CA GLY A 28 3.18 9.78 13.63
C GLY A 28 4.37 10.73 13.55
N PHE A 29 5.55 10.10 13.49
CA PHE A 29 6.81 10.86 13.43
C PHE A 29 6.84 11.77 12.22
N ASP A 30 6.40 11.28 11.05
CA ASP A 30 6.33 12.14 9.88
C ASP A 30 5.48 13.38 10.14
N ILE A 31 4.37 13.21 10.87
CA ILE A 31 3.47 14.31 11.12
C ILE A 31 4.09 15.31 12.09
N ASP A 32 4.82 14.80 13.10
CA ASP A 32 5.42 15.70 14.08
C ASP A 32 6.54 16.52 13.47
N LEU A 33 7.34 15.91 12.58
CA LEU A 33 8.38 16.65 11.89
C LEU A 33 7.77 17.73 11.00
N GLY A 34 6.76 17.36 10.21
CA GLY A 34 6.15 18.32 9.31
C GLY A 34 5.55 19.51 10.06
N ASN A 35 4.81 19.22 11.13
CA ASN A 35 4.19 20.30 11.90
C ASN A 35 5.24 21.17 12.57
N GLU A 36 6.26 20.54 13.16
CA GLU A 36 7.32 21.32 13.81
C GLU A 36 8.00 22.25 12.80
N MET A 37 8.34 21.72 11.63
CA MET A 37 8.94 22.55 10.59
C MET A 37 7.99 23.65 10.16
N CYS A 38 6.73 23.30 9.91
CA CYS A 38 5.75 24.30 9.47
C CYS A 38 5.63 25.42 10.48
N LYS A 39 5.62 25.08 11.78
CA LYS A 39 5.51 26.10 12.81
C LYS A 39 6.73 27.02 12.81
N ARG A 40 7.92 26.45 12.62
CA ARG A 40 9.12 27.27 12.53
C ARG A 40 9.11 28.10 11.25
N MET A 41 8.60 27.53 10.16
CA MET A 41 8.50 28.28 8.90
C MET A 41 7.44 29.38 8.97
N GLN A 42 6.57 29.35 9.97
CA GLN A 42 5.50 30.34 10.11
C GLN A 42 4.56 30.31 8.91
N VAL A 43 4.12 29.09 8.56
CA VAL A 43 3.11 28.89 7.53
C VAL A 43 2.04 27.97 8.10
N LYS A 44 0.91 27.91 7.40
CA LYS A 44 -0.15 26.97 7.72
C LYS A 44 0.03 25.72 6.88
N CYS A 45 -0.11 24.55 7.50
CA CYS A 45 0.11 23.27 6.83
C CYS A 45 -1.13 22.40 6.99
N THR A 46 -1.76 22.08 5.87
CA THR A 46 -2.90 21.19 5.83
C THR A 46 -2.44 19.80 5.39
N TRP A 47 -2.81 18.78 6.15
CA TRP A 47 -2.44 17.41 5.82
C TRP A 47 -3.47 16.77 4.91
N VAL A 48 -2.99 16.04 3.91
CA VAL A 48 -3.84 15.46 2.88
C VAL A 48 -3.52 13.98 2.79
N ALA A 49 -4.54 13.14 2.97
CA ALA A 49 -4.39 11.70 2.83
C ALA A 49 -4.33 11.33 1.35
N SER A 50 -3.45 10.38 1.01
CA SER A 50 -3.35 9.94 -0.37
C SER A 50 -2.63 8.60 -0.45
N ASP A 51 -2.98 7.83 -1.47
CA ASP A 51 -2.22 6.64 -1.80
C ASP A 51 -0.79 7.03 -2.16
N PHE A 52 0.16 6.19 -1.79
CA PHE A 52 1.57 6.51 -2.00
C PHE A 52 1.87 6.72 -3.48
N ASP A 53 1.34 5.84 -4.34
CA ASP A 53 1.64 5.93 -5.75
C ASP A 53 1.16 7.24 -6.37
N ALA A 54 0.18 7.89 -5.75
CA ALA A 54 -0.38 9.13 -6.27
C ALA A 54 0.29 10.38 -5.71
N LEU A 55 1.20 10.23 -4.74
CA LEU A 55 1.77 11.40 -4.07
C LEU A 55 2.56 12.26 -5.04
N ILE A 56 3.57 11.69 -5.70
CA ILE A 56 4.38 12.46 -6.62
C ILE A 56 3.53 13.06 -7.75
N PRO A 57 2.70 12.28 -8.45
CA PRO A 57 1.83 12.89 -9.47
C PRO A 57 0.96 14.03 -8.92
N SER A 58 0.49 13.89 -7.68
CA SER A 58 -0.26 14.98 -7.06
C SER A 58 0.62 16.20 -6.81
N LEU A 59 1.90 15.98 -6.52
CA LEU A 59 2.82 17.10 -6.32
C LEU A 59 3.05 17.86 -7.62
N LYS A 60 3.20 17.13 -8.73
CA LYS A 60 3.42 17.81 -10.00
C LYS A 60 2.15 18.49 -10.49
N ALA A 61 0.99 17.86 -10.27
CA ALA A 61 -0.29 18.47 -10.62
C ALA A 61 -0.68 19.60 -9.69
N LYS A 62 0.08 19.81 -8.61
CA LYS A 62 -0.12 20.92 -7.67
C LYS A 62 -1.38 20.75 -6.84
N LYS A 63 -1.85 19.52 -6.67
CA LYS A 63 -2.97 19.24 -5.75
C LYS A 63 -2.39 19.40 -4.36
N ILE A 64 -1.11 19.06 -4.13
CA ILE A 64 -0.40 19.18 -2.82
C ILE A 64 0.93 19.87 -3.09
N ASP A 65 1.54 20.58 -2.13
CA ASP A 65 2.77 21.34 -2.29
C ASP A 65 3.99 20.66 -1.68
N ALA A 66 3.80 19.65 -0.84
CA ALA A 66 4.92 18.93 -0.25
C ALA A 66 4.49 17.49 0.03
N ILE A 67 5.49 16.62 0.14
CA ILE A 67 5.27 15.22 0.47
C ILE A 67 6.11 14.87 1.69
N ILE A 68 5.46 14.32 2.71
CA ILE A 68 6.12 13.74 3.87
C ILE A 68 5.43 12.42 4.14
N SER A 69 6.11 11.31 3.82
CA SER A 69 5.47 10.00 3.84
C SER A 69 6.51 8.90 3.76
N SER A 70 7.58 9.03 4.55
CA SER A 70 8.69 8.06 4.52
C SER A 70 9.22 7.92 3.10
N LEU A 71 9.21 9.01 2.33
CA LEU A 71 9.58 8.98 0.93
C LEU A 71 11.10 8.93 0.82
N SER A 72 11.63 7.77 0.42
CA SER A 72 13.07 7.58 0.34
C SER A 72 13.64 8.33 -0.87
N ILE A 73 14.75 9.02 -0.65
CA ILE A 73 15.41 9.79 -1.70
C ILE A 73 16.07 8.80 -2.66
N THR A 74 15.58 8.76 -3.90
CA THR A 74 16.09 7.82 -4.90
C THR A 74 16.48 8.59 -6.15
N ASP A 75 17.37 7.96 -6.94
CA ASP A 75 17.82 8.56 -8.19
C ASP A 75 16.64 8.84 -9.11
N LYS A 76 15.74 7.86 -9.25
CA LYS A 76 14.59 8.02 -10.13
C LYS A 76 13.73 9.21 -9.69
N ARG A 77 13.47 9.31 -8.38
CA ARG A 77 12.60 10.37 -7.88
C ARG A 77 13.27 11.73 -8.00
N GLN A 78 14.58 11.80 -7.74
CA GLN A 78 15.28 13.08 -7.86
C GLN A 78 15.20 13.63 -9.27
N GLN A 79 15.09 12.76 -10.27
CA GLN A 79 14.95 13.21 -11.65
C GLN A 79 13.64 13.95 -11.88
N GLU A 80 12.62 13.69 -11.05
CA GLU A 80 11.30 14.27 -11.23
C GLU A 80 10.94 15.33 -10.21
N ILE A 81 11.52 15.28 -9.00
CA ILE A 81 11.18 16.21 -7.93
C ILE A 81 12.44 16.55 -7.16
N ALA A 82 12.34 17.59 -6.34
CA ALA A 82 13.39 17.98 -5.42
C ALA A 82 13.10 17.40 -4.03
N PHE A 83 14.15 17.31 -3.23
CA PHE A 83 14.06 16.76 -1.89
C PHE A 83 14.66 17.74 -0.88
N SER A 84 14.10 17.73 0.33
CA SER A 84 14.72 18.44 1.43
C SER A 84 15.87 17.60 1.97
N ASP A 85 16.61 18.16 2.93
CA ASP A 85 17.60 17.38 3.64
C ASP A 85 16.92 16.21 4.34
N LYS A 86 17.72 15.21 4.70
CA LYS A 86 17.18 13.96 5.23
C LYS A 86 16.36 14.18 6.49
N LEU A 87 15.21 13.51 6.55
CA LEU A 87 14.39 13.46 7.75
C LEU A 87 14.83 12.31 8.65
N TYR A 88 15.10 11.14 8.07
CA TYR A 88 15.59 10.00 8.83
C TYR A 88 15.96 8.90 7.85
N ALA A 89 16.51 7.82 8.38
CA ALA A 89 17.02 6.74 7.55
C ALA A 89 15.92 6.14 6.68
N ALA A 90 16.29 5.72 5.48
CA ALA A 90 15.31 5.17 4.55
C ALA A 90 14.76 3.83 5.06
N ASP A 91 15.62 2.98 5.63
CA ASP A 91 15.21 1.69 6.15
C ASP A 91 15.74 1.53 7.57
N VAL A 92 14.83 1.37 8.53
CA VAL A 92 15.23 1.25 9.93
C VAL A 92 15.85 -0.11 10.21
N LYS A 93 15.42 -1.16 9.51
CA LYS A 93 15.76 -2.52 9.87
C LYS A 93 17.17 -2.94 9.44
N ASP A 94 18.02 -2.01 9.03
CA ASP A 94 19.38 -2.38 8.61
C ASP A 94 20.30 -1.19 8.51
N LYS A 95 21.50 -1.31 9.08
CA LYS A 95 22.47 -0.22 9.01
C LYS A 95 22.91 0.06 7.58
N LYS A 96 22.90 -0.98 6.73
CA LYS A 96 23.23 -0.79 5.32
C LYS A 96 22.40 0.31 4.67
N TYR A 97 21.21 0.58 5.21
CA TYR A 97 20.33 1.63 4.70
C TYR A 97 20.27 2.84 5.65
N PHE A 98 21.19 2.92 6.60
CA PHE A 98 21.26 4.09 7.48
C PHE A 98 21.88 5.29 6.78
N GLY A 99 22.73 5.06 5.77
CA GLY A 99 23.19 6.16 4.95
C GLY A 99 22.13 6.67 4.01
N ASP A 100 21.26 5.78 3.52
CA ASP A 100 20.11 6.21 2.75
C ASP A 100 19.22 7.12 3.61
N GLY A 101 18.20 7.69 2.97
CA GLY A 101 17.33 8.58 3.71
C GLY A 101 16.02 8.95 3.04
N THR A 102 15.03 9.30 3.85
CA THR A 102 13.79 9.90 3.38
C THR A 102 13.92 11.43 3.44
N GLY A 103 12.95 12.11 2.84
CA GLY A 103 12.95 13.55 2.85
C GLY A 103 11.60 14.09 2.44
N VAL A 104 11.49 15.42 2.48
CA VAL A 104 10.28 16.11 2.05
C VAL A 104 10.29 16.21 0.53
N GLY A 105 9.29 15.61 -0.11
CA GLY A 105 9.17 15.72 -1.56
C GLY A 105 8.60 17.07 -1.95
N LEU A 106 9.28 17.75 -2.86
CA LEU A 106 8.89 19.10 -3.25
C LEU A 106 9.14 19.29 -4.74
N ARG A 107 8.32 20.15 -5.35
CA ARG A 107 8.50 20.48 -6.76
C ARG A 107 9.86 21.13 -6.97
N LYS A 108 10.48 20.80 -8.10
CA LYS A 108 11.84 21.27 -8.35
C LYS A 108 11.91 22.79 -8.40
N ASP A 109 10.92 23.42 -9.04
CA ASP A 109 10.93 24.87 -9.18
C ASP A 109 10.69 25.61 -7.87
N ASP A 110 10.22 24.91 -6.84
CA ASP A 110 9.89 25.56 -5.56
C ASP A 110 11.13 25.69 -4.69
N THR A 111 12.20 26.25 -5.23
CA THR A 111 13.46 26.34 -4.48
C THR A 111 13.28 27.08 -3.16
N GLU A 112 12.38 28.07 -3.13
CA GLU A 112 12.20 28.85 -1.90
C GLU A 112 11.56 28.03 -0.81
N LEU A 113 10.60 27.17 -1.17
CA LEU A 113 9.97 26.31 -0.17
C LEU A 113 10.94 25.26 0.36
N LYS A 114 11.87 24.80 -0.48
CA LYS A 114 12.86 23.82 -0.03
C LYS A 114 13.74 24.41 1.07
N ALA A 115 14.37 25.54 0.78
CA ALA A 115 15.25 26.16 1.77
C ALA A 115 14.51 26.42 3.08
N ALA A 116 13.25 26.82 2.99
CA ALA A 116 12.45 27.03 4.20
C ALA A 116 12.37 25.75 5.03
N PHE A 117 12.07 24.63 4.38
CA PHE A 117 12.05 23.35 5.08
C PHE A 117 13.42 23.01 5.64
N ASP A 118 14.47 23.14 4.82
CA ASP A 118 15.82 22.84 5.29
C ASP A 118 16.20 23.72 6.47
N LYS A 119 15.84 25.00 6.42
CA LYS A 119 16.15 25.91 7.52
C LYS A 119 15.51 25.42 8.82
N ALA A 120 14.20 25.15 8.77
CA ALA A 120 13.50 24.71 9.97
C ALA A 120 14.00 23.35 10.44
N LEU A 121 14.27 22.43 9.50
CA LEU A 121 14.77 21.12 9.88
C LEU A 121 16.12 21.22 10.58
N THR A 122 17.01 22.09 10.07
CA THR A 122 18.29 22.29 10.72
C THR A 122 18.11 22.91 12.10
N GLU A 123 17.10 23.76 12.28
CA GLU A 123 16.93 24.47 13.54
C GLU A 123 16.29 23.60 14.61
N LEU A 124 15.43 22.64 14.21
CA LEU A 124 14.79 21.78 15.18
C LEU A 124 15.67 20.61 15.59
N ARG A 125 16.68 20.29 14.77
CA ARG A 125 17.67 19.30 15.15
C ARG A 125 18.76 19.89 16.03
N GLN A 126 19.12 21.16 15.79
CA GLN A 126 20.19 21.78 16.56
C GLN A 126 19.75 22.03 18.00
N ASP A 127 18.48 22.40 18.21
CA ASP A 127 17.98 22.72 19.54
C ASP A 127 17.41 21.51 20.26
N GLY A 128 17.60 20.31 19.73
CA GLY A 128 17.19 19.09 20.41
C GLY A 128 15.76 18.69 20.23
N THR A 129 14.99 19.41 19.39
CA THR A 129 13.60 19.04 19.19
C THR A 129 13.48 17.73 18.41
N TYR A 130 14.38 17.51 17.44
CA TYR A 130 14.39 16.23 16.75
C TYR A 130 14.55 15.08 17.74
N ASP A 131 15.54 15.17 18.63
CA ASP A 131 15.83 14.07 19.54
C ASP A 131 14.65 13.80 20.47
N LYS A 132 14.14 14.84 21.13
CA LYS A 132 13.02 14.65 22.05
C LYS A 132 11.82 14.04 21.35
N MET A 133 11.55 14.46 20.12
CA MET A 133 10.42 13.99 19.35
C MET A 133 10.67 12.60 18.77
N ALA A 134 11.94 12.28 18.50
CA ALA A 134 12.26 10.91 18.10
C ALA A 134 12.18 9.97 19.29
N LYS A 135 12.63 10.40 20.47
CA LYS A 135 12.61 9.56 21.64
C LYS A 135 11.21 9.10 22.03
N LYS A 136 10.16 9.70 21.45
CA LYS A 136 8.81 9.29 21.76
C LYS A 136 8.48 7.94 21.13
N TYR A 137 8.94 7.72 19.90
CA TYR A 137 8.56 6.54 19.14
C TYR A 137 9.60 5.43 19.17
N PHE A 138 10.88 5.76 19.24
CA PHE A 138 11.93 4.80 18.95
C PHE A 138 12.96 4.74 20.06
N ASP A 139 13.70 3.63 20.08
CA ASP A 139 14.79 3.40 21.04
C ASP A 139 16.12 3.24 20.31
N PHE A 140 16.29 3.93 19.20
CA PHE A 140 17.51 3.82 18.41
C PHE A 140 17.68 5.10 17.59
N ASN A 141 18.84 5.22 16.96
CA ASN A 141 19.16 6.39 16.13
C ASN A 141 18.43 6.24 14.81
N VAL A 142 17.19 6.72 14.78
CA VAL A 142 16.38 6.59 13.57
C VAL A 142 16.90 7.50 12.47
N TYR A 143 17.54 8.62 12.83
CA TYR A 143 18.11 9.47 11.80
C TYR A 143 19.22 8.75 11.05
N GLY A 144 20.02 7.95 11.76
CA GLY A 144 21.09 7.21 11.14
C GLY A 144 22.32 8.04 10.88
N ASP A 145 22.94 7.83 9.71
CA ASP A 145 24.18 8.52 9.37
C ASP A 145 23.92 9.96 8.92
N LEU B 2 12.92 -27.38 8.94
CA LEU B 2 12.99 -25.94 8.70
C LEU B 2 14.39 -25.41 9.00
N PRO B 3 14.89 -25.58 10.25
CA PRO B 3 16.26 -25.11 10.55
C PRO B 3 17.26 -25.64 9.55
N GLN B 4 17.84 -24.77 8.72
CA GLN B 4 18.73 -25.20 7.66
C GLN B 4 19.47 -23.98 7.12
N THR B 5 20.38 -24.22 6.18
CA THR B 5 21.12 -23.17 5.49
C THR B 5 20.57 -23.00 4.09
N VAL B 6 20.28 -21.76 3.70
CA VAL B 6 19.76 -21.45 2.38
C VAL B 6 20.74 -20.49 1.72
N ARG B 7 21.52 -21.01 0.76
CA ARG B 7 22.42 -20.18 -0.04
C ARG B 7 21.63 -19.62 -1.21
N ILE B 8 21.44 -18.30 -1.23
CA ILE B 8 20.69 -17.63 -2.29
C ILE B 8 21.68 -17.07 -3.29
N GLY B 9 21.58 -17.52 -4.54
CA GLY B 9 22.40 -16.98 -5.61
C GLY B 9 21.70 -15.81 -6.29
N THR B 10 22.46 -14.76 -6.56
CA THR B 10 21.89 -13.55 -7.14
C THR B 10 22.95 -12.86 -8.01
N ASP B 11 22.48 -12.26 -9.10
CA ASP B 11 23.33 -11.49 -10.02
C ASP B 11 23.26 -10.03 -9.60
N THR B 12 24.36 -9.51 -9.06
CA THR B 12 24.37 -8.17 -8.46
C THR B 12 24.55 -7.07 -9.50
N THR B 13 23.87 -7.14 -10.64
CA THR B 13 24.03 -6.13 -11.68
C THR B 13 22.71 -5.55 -12.15
N TYR B 14 21.65 -5.64 -11.34
CA TYR B 14 20.32 -5.18 -11.73
C TYR B 14 19.68 -4.40 -10.58
N ALA B 15 20.28 -3.28 -10.23
CA ALA B 15 19.62 -2.33 -9.35
C ALA B 15 18.34 -1.83 -10.02
N PRO B 16 17.28 -1.55 -9.26
CA PRO B 16 17.22 -1.54 -7.79
C PRO B 16 16.82 -2.86 -7.16
N PHE B 17 16.96 -3.95 -7.91
CA PHE B 17 16.55 -5.25 -7.41
C PHE B 17 17.70 -5.99 -6.74
N SER B 18 18.86 -6.01 -7.38
CA SER B 18 20.03 -6.69 -6.79
C SER B 18 21.30 -6.03 -7.31
N SER B 19 22.05 -5.43 -6.39
CA SER B 19 23.32 -4.81 -6.73
C SER B 19 24.18 -4.83 -5.46
N LYS B 20 25.23 -4.00 -5.44
CA LYS B 20 26.11 -3.91 -4.30
C LYS B 20 26.41 -2.45 -4.00
N ASP B 21 26.43 -2.12 -2.70
CA ASP B 21 26.81 -0.79 -2.26
C ASP B 21 28.34 -0.68 -2.24
N ALA B 22 28.81 0.55 -2.04
CA ALA B 22 30.25 0.79 -2.00
C ALA B 22 30.92 0.10 -0.81
N LYS B 23 30.15 -0.26 0.22
CA LYS B 23 30.71 -0.98 1.35
C LYS B 23 30.85 -2.45 1.04
N GLY B 24 30.10 -3.00 0.06
CA GLY B 24 30.23 -4.39 -0.41
C GLY B 24 28.99 -5.23 -0.18
N GLU B 25 28.08 -4.80 0.69
CA GLU B 25 26.84 -5.53 1.03
C GLU B 25 25.93 -5.62 -0.17
N PHE B 26 25.03 -6.61 -0.18
CA PHE B 26 24.05 -6.80 -1.27
C PHE B 26 22.84 -5.92 -0.95
N ILE B 27 22.32 -5.16 -1.90
CA ILE B 27 21.21 -4.24 -1.73
C ILE B 27 20.24 -4.40 -2.90
N GLY B 28 18.99 -4.04 -2.65
CA GLY B 28 17.94 -4.10 -3.65
C GLY B 28 16.67 -4.70 -3.09
N PHE B 29 15.61 -4.59 -3.92
CA PHE B 29 14.32 -5.17 -3.57
C PHE B 29 14.42 -6.68 -3.43
N ASP B 30 15.10 -7.33 -4.37
CA ASP B 30 15.28 -8.78 -4.28
C ASP B 30 15.96 -9.16 -2.98
N ILE B 31 16.91 -8.36 -2.52
CA ILE B 31 17.66 -8.70 -1.31
C ILE B 31 16.79 -8.50 -0.08
N ASP B 32 16.00 -7.43 -0.05
CA ASP B 32 15.11 -7.21 1.09
C ASP B 32 14.06 -8.31 1.19
N LEU B 33 13.49 -8.72 0.06
CA LEU B 33 12.50 -9.80 0.07
C LEU B 33 13.11 -11.09 0.59
N GLY B 34 14.28 -11.46 0.07
CA GLY B 34 14.92 -12.70 0.51
C GLY B 34 15.20 -12.72 2.00
N ASN B 35 15.82 -11.65 2.50
CA ASN B 35 16.10 -11.56 3.93
C ASN B 35 14.80 -11.61 4.73
N GLU B 36 13.83 -10.76 4.37
CA GLU B 36 12.56 -10.76 5.08
C GLU B 36 11.93 -12.14 5.10
N MET B 37 11.98 -12.85 3.97
CA MET B 37 11.45 -14.20 3.94
C MET B 37 12.27 -15.14 4.83
N CYS B 38 13.58 -14.91 4.93
CA CYS B 38 14.42 -15.78 5.75
C CYS B 38 14.21 -15.53 7.23
N LYS B 39 14.06 -14.27 7.62
CA LYS B 39 13.75 -13.93 9.01
C LYS B 39 12.55 -14.74 9.50
N ARG B 40 11.45 -14.74 8.75
CA ARG B 40 10.25 -15.43 9.20
C ARG B 40 10.40 -16.94 9.09
N MET B 41 11.09 -17.42 8.05
CA MET B 41 11.39 -18.83 7.95
C MET B 41 12.32 -19.29 9.06
N GLN B 42 13.07 -18.37 9.66
CA GLN B 42 13.96 -18.66 10.78
C GLN B 42 15.08 -19.62 10.38
N VAL B 43 15.43 -19.64 9.10
CA VAL B 43 16.55 -20.43 8.62
C VAL B 43 17.76 -19.51 8.47
N LYS B 44 18.93 -20.11 8.24
CA LYS B 44 20.15 -19.35 8.01
C LYS B 44 20.33 -19.14 6.52
N CYS B 45 20.28 -17.88 6.09
CA CYS B 45 20.42 -17.53 4.69
C CYS B 45 21.78 -16.87 4.46
N THR B 46 22.42 -17.27 3.36
CA THR B 46 23.67 -16.69 2.91
C THR B 46 23.51 -16.27 1.46
N TRP B 47 24.05 -15.12 1.11
CA TRP B 47 23.92 -14.56 -0.23
C TRP B 47 25.19 -14.83 -1.02
N VAL B 48 25.02 -15.21 -2.29
CA VAL B 48 26.11 -15.63 -3.15
C VAL B 48 25.96 -14.90 -4.49
N ALA B 49 26.86 -13.96 -4.77
CA ALA B 49 26.89 -13.34 -6.09
C ALA B 49 27.22 -14.39 -7.14
N SER B 50 26.62 -14.23 -8.32
CA SER B 50 26.79 -15.24 -9.36
C SER B 50 26.34 -14.67 -10.70
N ASP B 51 27.09 -15.02 -11.75
CA ASP B 51 26.68 -14.69 -13.11
C ASP B 51 25.31 -15.29 -13.39
N PHE B 52 24.47 -14.51 -14.09
CA PHE B 52 23.08 -14.91 -14.29
C PHE B 52 22.99 -16.31 -14.91
N ASP B 53 23.68 -16.52 -16.03
CA ASP B 53 23.58 -17.79 -16.74
C ASP B 53 24.11 -18.97 -15.94
N ALA B 54 24.80 -18.72 -14.83
CA ALA B 54 25.32 -19.79 -13.98
C ALA B 54 24.40 -20.10 -12.79
N LEU B 55 23.31 -19.34 -12.63
CA LEU B 55 22.49 -19.51 -11.44
C LEU B 55 21.77 -20.86 -11.44
N ILE B 56 21.07 -21.18 -12.53
CA ILE B 56 20.29 -22.41 -12.59
C ILE B 56 21.22 -23.62 -12.58
N PRO B 57 22.31 -23.62 -13.37
CA PRO B 57 23.27 -24.74 -13.25
C PRO B 57 23.79 -24.93 -11.84
N SER B 58 24.18 -23.83 -11.17
CA SER B 58 24.67 -23.93 -9.80
C SER B 58 23.59 -24.47 -8.87
N LEU B 59 22.34 -24.07 -9.10
CA LEU B 59 21.23 -24.57 -8.30
C LEU B 59 21.13 -26.09 -8.41
N LYS B 60 21.18 -26.60 -9.63
CA LYS B 60 21.03 -28.04 -9.84
C LYS B 60 22.29 -28.81 -9.43
N ALA B 61 23.47 -28.22 -9.62
CA ALA B 61 24.70 -28.80 -9.06
C ALA B 61 24.79 -28.65 -7.55
N LYS B 62 23.72 -28.15 -6.93
CA LYS B 62 23.64 -28.01 -5.48
C LYS B 62 24.81 -27.18 -4.94
N LYS B 63 25.32 -26.25 -5.74
CA LYS B 63 26.21 -25.21 -5.21
C LYS B 63 25.43 -24.10 -4.50
N ILE B 64 24.17 -23.86 -4.86
CA ILE B 64 23.28 -22.95 -4.16
C ILE B 64 21.97 -23.68 -3.93
N ASP B 65 21.10 -23.10 -3.09
CA ASP B 65 19.81 -23.71 -2.80
C ASP B 65 18.61 -22.91 -3.28
N ALA B 66 18.82 -21.67 -3.71
CA ALA B 66 17.71 -20.86 -4.21
C ALA B 66 18.28 -19.78 -5.12
N ILE B 67 17.39 -19.20 -5.92
CA ILE B 67 17.75 -18.14 -6.85
C ILE B 67 16.75 -17.01 -6.66
N ILE B 68 17.24 -15.85 -6.27
CA ILE B 68 16.42 -14.64 -6.20
C ILE B 68 17.23 -13.59 -6.96
N SER B 69 16.85 -13.32 -8.20
CA SER B 69 17.57 -12.40 -9.06
C SER B 69 16.68 -11.96 -10.21
N SER B 70 15.45 -11.54 -9.89
CA SER B 70 14.49 -11.13 -10.91
C SER B 70 14.31 -12.24 -11.96
N LEU B 71 14.28 -13.49 -11.49
CA LEU B 71 14.19 -14.65 -12.36
C LEU B 71 12.74 -14.82 -12.82
N SER B 72 12.50 -14.61 -14.10
CA SER B 72 11.15 -14.68 -14.63
C SER B 72 10.67 -16.12 -14.70
N ILE B 73 9.38 -16.32 -14.41
CA ILE B 73 8.76 -17.64 -14.42
C ILE B 73 8.38 -17.95 -15.87
N THR B 74 9.16 -18.80 -16.53
CA THR B 74 8.94 -19.16 -17.92
C THR B 74 8.62 -20.64 -18.04
N ASP B 75 8.02 -21.00 -19.18
CA ASP B 75 7.72 -22.41 -19.44
C ASP B 75 8.99 -23.24 -19.47
N LYS B 76 10.05 -22.72 -20.12
CA LYS B 76 11.30 -23.47 -20.20
C LYS B 76 11.88 -23.72 -18.82
N ARG B 77 12.03 -22.67 -18.01
CA ARG B 77 12.64 -22.83 -16.70
C ARG B 77 11.82 -23.74 -15.81
N GLN B 78 10.48 -23.66 -15.91
CA GLN B 78 9.63 -24.54 -15.13
C GLN B 78 9.85 -26.01 -15.47
N GLN B 79 10.63 -26.31 -16.52
CA GLN B 79 10.84 -27.71 -16.91
C GLN B 79 11.94 -28.37 -16.10
N GLU B 80 12.93 -27.61 -15.59
CA GLU B 80 13.96 -28.22 -14.76
C GLU B 80 14.23 -27.48 -13.46
N ILE B 81 13.38 -26.51 -13.08
CA ILE B 81 13.39 -25.98 -11.72
C ILE B 81 11.96 -25.69 -11.31
N ALA B 82 11.76 -25.52 -10.01
CA ALA B 82 10.50 -25.08 -9.44
C ALA B 82 10.60 -23.62 -9.02
N PHE B 83 9.44 -22.98 -8.90
CA PHE B 83 9.37 -21.57 -8.54
C PHE B 83 8.49 -21.39 -7.31
N SER B 84 8.79 -20.36 -6.52
CA SER B 84 7.87 -19.89 -5.51
C SER B 84 6.73 -19.12 -6.20
N ASP B 85 5.80 -18.64 -5.39
CA ASP B 85 4.79 -17.73 -5.91
C ASP B 85 5.45 -16.46 -6.44
N LYS B 86 4.66 -15.64 -7.13
CA LYS B 86 5.19 -14.43 -7.73
C LYS B 86 5.79 -13.51 -6.67
N LEU B 87 7.04 -13.10 -6.90
CA LEU B 87 7.63 -12.05 -6.09
C LEU B 87 7.23 -10.67 -6.61
N TYR B 88 7.23 -10.49 -7.92
CA TYR B 88 6.74 -9.26 -8.55
C TYR B 88 6.68 -9.50 -10.05
N ALA B 89 6.12 -8.52 -10.76
CA ALA B 89 5.86 -8.68 -12.19
C ALA B 89 7.15 -8.83 -12.98
N ALA B 90 7.06 -9.51 -14.13
CA ALA B 90 8.23 -9.80 -14.94
C ALA B 90 8.67 -8.58 -15.74
N ASP B 91 7.71 -7.81 -16.26
CA ASP B 91 8.01 -6.57 -16.97
C ASP B 91 7.01 -5.51 -16.55
N VAL B 92 7.53 -4.37 -16.08
CA VAL B 92 6.65 -3.33 -15.56
C VAL B 92 6.08 -2.45 -16.66
N LYS B 93 6.70 -2.42 -17.83
CA LYS B 93 6.39 -1.39 -18.82
C LYS B 93 5.04 -1.60 -19.48
N ASP B 94 4.51 -2.82 -19.50
CA ASP B 94 3.23 -3.10 -20.14
C ASP B 94 2.39 -4.00 -19.26
N LYS B 95 1.10 -3.67 -19.14
CA LYS B 95 0.17 -4.54 -18.43
C LYS B 95 0.13 -5.93 -19.05
N LYS B 96 0.39 -6.02 -20.36
CA LYS B 96 0.58 -7.31 -21.04
C LYS B 96 1.65 -8.18 -20.41
N TYR B 97 2.49 -7.63 -19.52
CA TYR B 97 3.41 -8.45 -18.75
C TYR B 97 3.18 -8.29 -17.26
N PHE B 98 1.96 -7.91 -16.86
CA PHE B 98 1.67 -7.67 -15.45
C PHE B 98 1.28 -8.92 -14.68
N GLY B 99 0.78 -9.95 -15.37
CA GLY B 99 0.42 -11.19 -14.70
C GLY B 99 1.62 -12.07 -14.42
N ASP B 100 2.34 -12.46 -15.48
CA ASP B 100 3.59 -13.19 -15.31
C ASP B 100 4.53 -12.43 -14.39
N GLY B 101 5.37 -13.16 -13.67
CA GLY B 101 6.22 -12.53 -12.69
C GLY B 101 7.51 -13.29 -12.43
N THR B 102 8.35 -12.70 -11.59
CA THR B 102 9.57 -13.34 -11.12
C THR B 102 9.26 -14.19 -9.90
N GLY B 103 10.25 -14.98 -9.48
CA GLY B 103 10.05 -15.82 -8.32
C GLY B 103 11.36 -16.40 -7.84
N VAL B 104 11.32 -16.97 -6.64
CA VAL B 104 12.46 -17.69 -6.09
C VAL B 104 12.62 -18.99 -6.88
N GLY B 105 13.80 -19.16 -7.49
CA GLY B 105 14.11 -20.41 -8.15
C GLY B 105 14.54 -21.46 -7.15
N LEU B 106 14.04 -22.67 -7.33
CA LEU B 106 14.32 -23.76 -6.39
C LEU B 106 14.37 -25.09 -7.14
N ARG B 107 15.12 -26.03 -6.58
CA ARG B 107 15.23 -27.35 -7.17
C ARG B 107 13.85 -28.00 -7.25
N LYS B 108 13.60 -28.69 -8.36
CA LYS B 108 12.27 -29.22 -8.61
C LYS B 108 11.76 -30.09 -7.46
N ASP B 109 12.66 -30.76 -6.74
CA ASP B 109 12.28 -31.69 -5.69
C ASP B 109 12.47 -31.11 -4.29
N ASP B 110 12.53 -29.80 -4.17
CA ASP B 110 12.67 -29.14 -2.86
C ASP B 110 11.33 -28.54 -2.44
N THR B 111 10.30 -29.39 -2.41
CA THR B 111 8.96 -28.90 -2.09
C THR B 111 8.91 -28.29 -0.70
N GLU B 112 9.78 -28.75 0.22
CA GLU B 112 9.75 -28.24 1.58
C GLU B 112 10.20 -26.79 1.63
N LEU B 113 11.35 -26.48 1.04
CA LEU B 113 11.82 -25.10 1.03
C LEU B 113 10.86 -24.19 0.27
N LYS B 114 10.25 -24.69 -0.81
CA LYS B 114 9.29 -23.88 -1.53
C LYS B 114 8.13 -23.47 -0.63
N ALA B 115 7.60 -24.41 0.15
CA ALA B 115 6.49 -24.08 1.04
C ALA B 115 6.90 -23.05 2.09
N ALA B 116 8.15 -23.09 2.55
CA ALA B 116 8.60 -22.11 3.53
C ALA B 116 8.69 -20.73 2.90
N PHE B 117 9.37 -20.61 1.75
CA PHE B 117 9.41 -19.35 1.04
C PHE B 117 8.00 -18.86 0.73
N ASP B 118 7.16 -19.74 0.18
CA ASP B 118 5.80 -19.36 -0.16
C ASP B 118 5.02 -18.93 1.08
N LYS B 119 5.22 -19.61 2.20
CA LYS B 119 4.52 -19.23 3.42
C LYS B 119 4.98 -17.85 3.89
N ALA B 120 6.28 -17.64 4.00
CA ALA B 120 6.80 -16.35 4.46
C ALA B 120 6.39 -15.22 3.53
N LEU B 121 6.26 -15.50 2.23
CA LEU B 121 5.88 -14.45 1.28
C LEU B 121 4.45 -14.00 1.51
N THR B 122 3.52 -14.95 1.66
CA THR B 122 2.14 -14.58 1.93
C THR B 122 2.03 -13.76 3.20
N GLU B 123 2.77 -14.17 4.24
CA GLU B 123 2.69 -13.48 5.53
C GLU B 123 3.20 -12.05 5.43
N LEU B 124 4.40 -11.87 4.89
CA LEU B 124 4.96 -10.53 4.79
C LEU B 124 4.12 -9.62 3.90
N ARG B 125 3.33 -10.19 2.99
CA ARG B 125 2.44 -9.37 2.19
C ARG B 125 1.18 -9.01 2.96
N GLN B 126 0.62 -9.96 3.71
CA GLN B 126 -0.65 -9.71 4.40
C GLN B 126 -0.48 -8.65 5.49
N ASP B 127 0.65 -8.64 6.18
CA ASP B 127 0.89 -7.69 7.26
C ASP B 127 1.43 -6.36 6.78
N GLY B 128 1.57 -6.17 5.46
CA GLY B 128 1.95 -4.90 4.90
C GLY B 128 3.43 -4.69 4.70
N THR B 129 4.27 -5.64 5.11
CA THR B 129 5.71 -5.45 4.94
C THR B 129 6.10 -5.36 3.48
N TYR B 130 5.42 -6.11 2.60
CA TYR B 130 5.74 -6.04 1.18
C TYR B 130 5.59 -4.62 0.65
N ASP B 131 4.50 -3.95 1.03
CA ASP B 131 4.26 -2.61 0.51
C ASP B 131 5.27 -1.61 1.06
N LYS B 132 5.64 -1.75 2.33
CA LYS B 132 6.63 -0.84 2.91
C LYS B 132 7.98 -1.00 2.23
N MET B 133 8.36 -2.23 1.90
CA MET B 133 9.64 -2.45 1.22
C MET B 133 9.59 -2.00 -0.23
N ALA B 134 8.46 -2.23 -0.90
CA ALA B 134 8.32 -1.79 -2.28
C ALA B 134 8.35 -0.27 -2.39
N LYS B 135 7.63 0.42 -1.49
CA LYS B 135 7.55 1.86 -1.56
C LYS B 135 8.91 2.52 -1.47
N LYS B 136 9.91 1.84 -0.90
CA LYS B 136 11.24 2.42 -0.81
C LYS B 136 11.82 2.70 -2.21
N TYR B 137 11.54 1.81 -3.16
CA TYR B 137 12.15 1.88 -4.48
C TYR B 137 11.22 2.43 -5.55
N PHE B 138 9.93 2.12 -5.46
CA PHE B 138 9.04 2.29 -6.59
C PHE B 138 7.83 3.17 -6.23
N ASP B 139 7.31 3.83 -7.26
CA ASP B 139 6.10 4.63 -7.15
C ASP B 139 4.94 4.00 -7.93
N PHE B 140 4.94 2.67 -8.03
CA PHE B 140 3.91 1.96 -8.77
C PHE B 140 3.83 0.54 -8.23
N ASN B 141 2.83 -0.20 -8.72
CA ASN B 141 2.57 -1.55 -8.27
C ASN B 141 3.51 -2.51 -8.98
N VAL B 142 4.64 -2.79 -8.35
CA VAL B 142 5.60 -3.72 -8.94
C VAL B 142 5.07 -5.15 -8.89
N TYR B 143 4.22 -5.46 -7.90
CA TYR B 143 3.69 -6.81 -7.78
C TYR B 143 2.93 -7.22 -9.04
N GLY B 144 2.17 -6.30 -9.62
CA GLY B 144 1.37 -6.61 -10.78
C GLY B 144 -0.01 -7.10 -10.41
N ASP B 145 -0.63 -7.78 -11.37
CA ASP B 145 -1.99 -8.28 -11.19
C ASP B 145 -2.00 -9.49 -10.24
N LEU C 2 -15.88 -13.13 12.48
CA LEU C 2 -15.58 -12.46 11.22
C LEU C 2 -14.13 -12.00 11.21
N PRO C 3 -13.60 -11.67 10.03
CA PRO C 3 -12.25 -11.07 9.98
C PRO C 3 -12.20 -9.76 10.73
N GLN C 4 -11.06 -9.49 11.36
CA GLN C 4 -10.93 -8.30 12.20
C GLN C 4 -10.87 -7.02 11.38
N THR C 5 -10.44 -7.10 10.12
CA THR C 5 -10.36 -5.94 9.25
C THR C 5 -10.94 -6.29 7.89
N VAL C 6 -11.80 -5.41 7.37
CA VAL C 6 -12.50 -5.64 6.11
C VAL C 6 -12.10 -4.51 5.15
N ARG C 7 -11.36 -4.86 4.11
CA ARG C 7 -10.98 -3.89 3.09
C ARG C 7 -12.14 -3.70 2.12
N ILE C 8 -12.66 -2.48 2.03
CA ILE C 8 -13.77 -2.15 1.16
C ILE C 8 -13.25 -1.29 0.02
N GLY C 9 -13.41 -1.78 -1.21
CA GLY C 9 -13.03 -1.02 -2.38
C GLY C 9 -14.17 -0.18 -2.91
N THR C 10 -13.83 0.99 -3.44
CA THR C 10 -14.84 1.93 -3.91
C THR C 10 -14.20 2.91 -4.89
N ASP C 11 -14.98 3.27 -5.92
CA ASP C 11 -14.54 4.20 -6.97
C ASP C 11 -14.96 5.60 -6.55
N THR C 12 -13.99 6.38 -6.07
CA THR C 12 -14.26 7.68 -5.46
C THR C 12 -14.47 8.77 -6.51
N THR C 13 -15.33 8.52 -7.49
CA THR C 13 -15.57 9.47 -8.57
C THR C 13 -17.06 9.68 -8.80
N TYR C 14 -17.88 9.50 -7.76
CA TYR C 14 -19.33 9.49 -7.93
C TYR C 14 -19.99 10.04 -6.66
N ALA C 15 -19.80 11.34 -6.43
CA ALA C 15 -20.57 12.03 -5.42
C ALA C 15 -22.04 12.06 -5.84
N PRO C 16 -22.98 12.09 -4.87
CA PRO C 16 -22.73 12.13 -3.43
C PRO C 16 -22.60 10.76 -2.77
N PHE C 17 -22.28 9.74 -3.55
CA PHE C 17 -22.22 8.38 -3.04
C PHE C 17 -20.82 8.01 -2.57
N SER C 18 -19.81 8.17 -3.43
CA SER C 18 -18.43 7.86 -3.05
C SER C 18 -17.50 8.85 -3.74
N SER C 19 -16.67 9.51 -2.95
CA SER C 19 -15.78 10.56 -3.44
C SER C 19 -14.77 10.90 -2.36
N LYS C 20 -13.72 11.60 -2.78
CA LYS C 20 -12.69 12.09 -1.86
C LYS C 20 -12.90 13.58 -1.62
N ASP C 21 -12.62 14.03 -0.39
CA ASP C 21 -12.64 15.45 -0.11
C ASP C 21 -11.24 16.03 -0.38
N ALA C 22 -11.08 17.34 -0.14
CA ALA C 22 -9.82 18.00 -0.44
C ALA C 22 -8.69 17.52 0.46
N LYS C 23 -9.00 16.87 1.58
CA LYS C 23 -8.00 16.32 2.48
C LYS C 23 -7.83 14.82 2.32
N GLY C 24 -8.39 14.25 1.26
CA GLY C 24 -8.15 12.86 0.93
C GLY C 24 -8.96 11.84 1.69
N GLU C 25 -10.04 12.26 2.33
CA GLU C 25 -10.89 11.34 3.08
C GLU C 25 -12.09 10.91 2.25
N PHE C 26 -12.51 9.66 2.44
CA PHE C 26 -13.68 9.15 1.75
C PHE C 26 -14.95 9.77 2.32
N ILE C 27 -15.84 10.22 1.45
CA ILE C 27 -17.09 10.86 1.86
C ILE C 27 -18.20 10.39 0.92
N GLY C 28 -19.42 10.37 1.44
CA GLY C 28 -20.59 10.03 0.65
C GLY C 28 -21.49 9.04 1.35
N PHE C 29 -22.67 8.85 0.74
CA PHE C 29 -23.67 7.95 1.31
C PHE C 29 -23.15 6.51 1.37
N ASP C 30 -22.51 6.05 0.30
CA ASP C 30 -21.92 4.71 0.32
C ASP C 30 -20.94 4.57 1.48
N ILE C 31 -20.16 5.61 1.75
CA ILE C 31 -19.17 5.55 2.82
C ILE C 31 -19.84 5.51 4.18
N ASP C 32 -20.86 6.34 4.38
CA ASP C 32 -21.55 6.35 5.66
C ASP C 32 -22.25 5.01 5.94
N LEU C 33 -22.88 4.43 4.92
CA LEU C 33 -23.50 3.12 5.10
C LEU C 33 -22.46 2.06 5.43
N GLY C 34 -21.36 2.04 4.69
CA GLY C 34 -20.31 1.07 4.98
C GLY C 34 -19.81 1.18 6.41
N ASN C 35 -19.45 2.39 6.82
CA ASN C 35 -18.91 2.58 8.17
C ASN C 35 -19.95 2.19 9.23
N GLU C 36 -21.20 2.61 9.06
CA GLU C 36 -22.23 2.25 10.03
C GLU C 36 -22.40 0.74 10.11
N MET C 37 -22.44 0.06 8.95
CA MET C 37 -22.57 -1.38 8.95
C MET C 37 -21.37 -2.05 9.62
N CYS C 38 -20.17 -1.55 9.33
CA CYS C 38 -18.96 -2.12 9.93
C CYS C 38 -18.98 -1.97 11.44
N LYS C 39 -19.50 -0.85 11.94
CA LYS C 39 -19.61 -0.66 13.38
C LYS C 39 -20.55 -1.71 14.00
N ARG C 40 -21.73 -1.88 13.40
CA ARG C 40 -22.67 -2.88 13.91
C ARG C 40 -22.09 -4.27 13.84
N MET C 41 -21.44 -4.61 12.73
CA MET C 41 -20.70 -5.86 12.65
C MET C 41 -19.52 -5.90 13.61
N GLN C 42 -19.16 -4.76 14.19
CA GLN C 42 -18.09 -4.69 15.18
C GLN C 42 -16.76 -5.15 14.60
N VAL C 43 -16.50 -4.78 13.36
CA VAL C 43 -15.23 -5.07 12.70
C VAL C 43 -14.62 -3.75 12.23
N LYS C 44 -13.32 -3.78 11.99
CA LYS C 44 -12.61 -2.64 11.42
C LYS C 44 -12.73 -2.68 9.90
N CYS C 45 -12.95 -1.50 9.31
CA CYS C 45 -13.07 -1.39 7.86
C CYS C 45 -12.09 -0.35 7.33
N THR C 46 -11.44 -0.70 6.23
CA THR C 46 -10.51 0.17 5.54
C THR C 46 -11.03 0.40 4.13
N TRP C 47 -11.19 1.67 3.75
CA TRP C 47 -11.63 2.03 2.42
C TRP C 47 -10.42 2.12 1.50
N VAL C 48 -10.56 1.62 0.27
CA VAL C 48 -9.44 1.51 -0.65
C VAL C 48 -9.94 2.03 -2.00
N ALA C 49 -9.39 3.15 -2.47
CA ALA C 49 -9.86 3.74 -3.71
C ALA C 49 -9.37 2.92 -4.89
N SER C 50 -10.28 2.65 -5.84
CA SER C 50 -9.95 1.81 -6.98
C SER C 50 -10.73 2.27 -8.21
N ASP C 51 -10.27 1.83 -9.38
CA ASP C 51 -11.03 2.04 -10.60
C ASP C 51 -12.22 1.08 -10.64
N PHE C 52 -13.32 1.56 -11.22
CA PHE C 52 -14.56 0.80 -11.19
C PHE C 52 -14.38 -0.58 -11.83
N ASP C 53 -13.82 -0.62 -13.03
CA ASP C 53 -13.65 -1.90 -13.72
C ASP C 53 -12.65 -2.81 -13.03
N ALA C 54 -11.94 -2.34 -12.00
CA ALA C 54 -10.98 -3.14 -11.27
C ALA C 54 -11.50 -3.65 -9.94
N LEU C 55 -12.67 -3.18 -9.49
CA LEU C 55 -13.18 -3.61 -8.19
C LEU C 55 -13.38 -5.11 -8.14
N ILE C 56 -14.24 -5.64 -9.01
CA ILE C 56 -14.53 -7.08 -9.00
C ILE C 56 -13.25 -7.90 -9.15
N PRO C 57 -12.38 -7.63 -10.13
CA PRO C 57 -11.11 -8.37 -10.19
C PRO C 57 -10.36 -8.38 -8.87
N SER C 58 -10.19 -7.21 -8.24
CA SER C 58 -9.51 -7.14 -6.96
C SER C 58 -10.27 -7.91 -5.88
N LEU C 59 -11.61 -7.94 -5.96
CA LEU C 59 -12.38 -8.71 -4.99
C LEU C 59 -12.09 -10.19 -5.12
N LYS C 60 -12.07 -10.71 -6.35
CA LYS C 60 -11.74 -12.12 -6.56
C LYS C 60 -10.28 -12.39 -6.20
N ALA C 61 -9.39 -11.44 -6.50
CA ALA C 61 -7.98 -11.62 -6.17
C ALA C 61 -7.71 -11.44 -4.69
N LYS C 62 -8.69 -11.01 -3.90
CA LYS C 62 -8.58 -10.84 -2.46
C LYS C 62 -7.67 -9.70 -2.06
N LYS C 63 -7.48 -8.72 -2.95
CA LYS C 63 -6.88 -7.44 -2.56
C LYS C 63 -7.87 -6.57 -1.80
N ILE C 64 -9.17 -6.80 -1.99
CA ILE C 64 -10.22 -6.20 -1.18
C ILE C 64 -11.17 -7.32 -0.76
N ASP C 65 -11.95 -7.05 0.28
CA ASP C 65 -12.90 -8.02 0.81
C ASP C 65 -14.34 -7.65 0.55
N ALA C 66 -14.62 -6.43 0.09
CA ALA C 66 -15.99 -6.01 -0.18
C ALA C 66 -15.96 -4.88 -1.18
N ILE C 67 -17.11 -4.67 -1.82
CA ILE C 67 -17.28 -3.59 -2.79
C ILE C 67 -18.53 -2.81 -2.39
N ILE C 68 -18.36 -1.52 -2.12
CA ILE C 68 -19.47 -0.59 -1.96
C ILE C 68 -19.13 0.60 -2.86
N SER C 69 -19.74 0.62 -4.05
CA SER C 69 -19.40 1.61 -5.05
C SER C 69 -20.57 1.82 -6.01
N SER C 70 -21.77 1.99 -5.46
CA SER C 70 -22.98 2.13 -6.28
C SER C 70 -23.11 0.95 -7.24
N LEU C 71 -22.55 -0.19 -6.87
CA LEU C 71 -22.49 -1.34 -7.76
C LEU C 71 -23.88 -1.95 -7.92
N SER C 72 -24.40 -1.92 -9.16
CA SER C 72 -25.73 -2.43 -9.43
C SER C 72 -25.74 -3.94 -9.46
N ILE C 73 -26.83 -4.52 -8.98
CA ILE C 73 -27.04 -5.97 -9.05
C ILE C 73 -27.50 -6.30 -10.46
N THR C 74 -26.59 -6.86 -11.26
CA THR C 74 -26.88 -7.25 -12.63
C THR C 74 -26.77 -8.76 -12.76
N ASP C 75 -27.35 -9.29 -13.84
CA ASP C 75 -27.24 -10.72 -14.10
C ASP C 75 -25.78 -11.14 -14.14
N LYS C 76 -24.97 -10.44 -14.95
CA LYS C 76 -23.58 -10.83 -15.13
C LYS C 76 -22.83 -10.83 -13.80
N ARG C 77 -23.07 -9.83 -12.95
CA ARG C 77 -22.34 -9.73 -11.70
C ARG C 77 -22.74 -10.85 -10.73
N GLN C 78 -24.04 -11.17 -10.69
CA GLN C 78 -24.49 -12.25 -9.81
C GLN C 78 -23.92 -13.61 -10.22
N GLN C 79 -23.44 -13.73 -11.47
CA GLN C 79 -22.76 -14.96 -11.87
C GLN C 79 -21.35 -15.04 -11.34
N GLU C 80 -20.74 -13.92 -10.96
CA GLU C 80 -19.36 -13.89 -10.51
C GLU C 80 -19.18 -13.52 -9.05
N ILE C 81 -20.16 -12.88 -8.42
CA ILE C 81 -20.04 -12.47 -7.03
C ILE C 81 -21.40 -12.54 -6.35
N ALA C 82 -21.39 -12.48 -5.02
CA ALA C 82 -22.59 -12.43 -4.20
C ALA C 82 -22.84 -10.99 -3.76
N PHE C 83 -24.10 -10.68 -3.53
CA PHE C 83 -24.52 -9.34 -3.11
C PHE C 83 -25.21 -9.40 -1.77
N SER C 84 -25.04 -8.34 -0.98
CA SER C 84 -25.85 -8.14 0.20
C SER C 84 -27.28 -7.78 -0.22
N ASP C 85 -28.15 -7.58 0.77
CA ASP C 85 -29.45 -7.01 0.48
C ASP C 85 -29.26 -5.62 -0.14
N LYS C 86 -30.27 -5.20 -0.90
CA LYS C 86 -30.17 -3.92 -1.62
C LYS C 86 -29.85 -2.79 -0.65
N LEU C 87 -28.86 -1.98 -1.01
CA LEU C 87 -28.54 -0.79 -0.24
C LEU C 87 -29.47 0.37 -0.63
N TYR C 88 -29.65 0.59 -1.93
CA TYR C 88 -30.58 1.58 -2.43
C TYR C 88 -30.82 1.31 -3.91
N ALA C 89 -31.73 2.07 -4.50
CA ALA C 89 -32.13 1.83 -5.88
C ALA C 89 -30.95 2.02 -6.83
N ALA C 90 -31.11 1.48 -8.04
CA ALA C 90 -30.06 1.54 -9.05
C ALA C 90 -30.13 2.82 -9.88
N ASP C 91 -31.34 3.30 -10.18
CA ASP C 91 -31.52 4.53 -10.94
C ASP C 91 -32.74 5.25 -10.36
N VAL C 92 -32.49 6.33 -9.62
CA VAL C 92 -33.57 7.08 -8.99
C VAL C 92 -34.57 7.57 -10.04
N LYS C 93 -34.06 8.03 -11.18
CA LYS C 93 -34.88 8.74 -12.15
C LYS C 93 -36.19 8.00 -12.42
N ASP C 94 -36.09 6.80 -12.97
CA ASP C 94 -37.25 6.07 -13.45
C ASP C 94 -37.60 4.91 -12.52
N LYS C 95 -38.91 4.65 -12.42
CA LYS C 95 -39.37 3.52 -11.61
C LYS C 95 -39.03 2.18 -12.26
N LYS C 96 -38.84 2.16 -13.58
CA LYS C 96 -38.43 0.92 -14.26
C LYS C 96 -37.10 0.40 -13.72
N TYR C 97 -36.30 1.26 -13.10
CA TYR C 97 -35.06 0.86 -12.45
C TYR C 97 -35.14 1.03 -10.93
N PHE C 98 -36.35 1.05 -10.37
CA PHE C 98 -36.53 1.34 -8.96
C PHE C 98 -36.54 0.09 -8.09
N GLY C 99 -36.94 -1.05 -8.64
CA GLY C 99 -36.96 -2.30 -7.90
C GLY C 99 -35.57 -2.85 -7.69
N ASP C 100 -34.81 -2.97 -8.77
CA ASP C 100 -33.41 -3.34 -8.66
C ASP C 100 -32.63 -2.26 -7.90
N GLY C 101 -31.42 -2.59 -7.50
CA GLY C 101 -30.62 -1.64 -6.77
C GLY C 101 -29.19 -2.10 -6.65
N THR C 102 -28.44 -1.34 -5.87
CA THR C 102 -27.05 -1.66 -5.58
C THR C 102 -26.94 -2.46 -4.29
N GLY C 103 -25.75 -2.98 -4.03
CA GLY C 103 -25.51 -3.72 -2.81
C GLY C 103 -24.02 -3.86 -2.59
N VAL C 104 -23.67 -4.47 -1.46
CA VAL C 104 -22.27 -4.77 -1.15
C VAL C 104 -21.85 -5.95 -2.01
N GLY C 105 -20.81 -5.75 -2.82
CA GLY C 105 -20.25 -6.84 -3.61
C GLY C 105 -19.32 -7.68 -2.76
N LEU C 106 -19.48 -8.99 -2.84
CA LEU C 106 -18.74 -9.89 -1.97
C LEU C 106 -18.37 -11.18 -2.71
N ARG C 107 -17.27 -11.79 -2.28
CA ARG C 107 -16.90 -13.10 -2.81
C ARG C 107 -18.01 -14.11 -2.54
N LYS C 108 -18.34 -14.89 -3.56
CA LYS C 108 -19.55 -15.72 -3.51
C LYS C 108 -19.52 -16.70 -2.34
N ASP C 109 -18.36 -16.96 -1.76
CA ASP C 109 -18.27 -17.97 -0.71
C ASP C 109 -17.95 -17.39 0.66
N ASP C 110 -18.09 -16.08 0.85
CA ASP C 110 -17.94 -15.59 2.23
C ASP C 110 -19.33 -15.34 2.80
N THR C 111 -20.10 -16.44 2.88
CA THR C 111 -21.47 -16.35 3.35
C THR C 111 -21.56 -15.74 4.75
N GLU C 112 -20.53 -15.97 5.58
CA GLU C 112 -20.55 -15.42 6.92
C GLU C 112 -20.66 -13.90 6.90
N LEU C 113 -19.85 -13.26 6.05
CA LEU C 113 -19.80 -11.80 6.02
C LEU C 113 -20.88 -11.18 5.13
N LYS C 114 -21.54 -11.99 4.30
CA LYS C 114 -22.72 -11.54 3.56
C LYS C 114 -23.83 -11.45 4.58
N ALA C 115 -23.96 -12.41 5.50
CA ALA C 115 -24.95 -12.38 6.58
C ALA C 115 -24.68 -11.23 7.54
N ALA C 116 -23.41 -11.01 7.90
CA ALA C 116 -23.08 -9.89 8.78
C ALA C 116 -23.52 -8.57 8.18
N PHE C 117 -23.22 -8.37 6.90
CA PHE C 117 -23.64 -7.14 6.23
C PHE C 117 -25.16 -7.02 6.19
N ASP C 118 -25.82 -8.10 5.76
CA ASP C 118 -27.29 -8.08 5.67
C ASP C 118 -27.91 -7.78 7.04
N LYS C 119 -27.38 -8.39 8.09
CA LYS C 119 -27.92 -8.14 9.43
C LYS C 119 -27.62 -6.73 9.89
N ALA C 120 -26.46 -6.19 9.53
CA ALA C 120 -26.14 -4.81 9.86
C ALA C 120 -27.06 -3.85 9.12
N LEU C 121 -27.28 -4.09 7.84
CA LEU C 121 -28.11 -3.20 7.04
C LEU C 121 -29.55 -3.20 7.55
N THR C 122 -30.04 -4.37 7.93
CA THR C 122 -31.39 -4.46 8.45
C THR C 122 -31.52 -3.67 9.73
N GLU C 123 -30.59 -3.80 10.67
CA GLU C 123 -30.71 -3.10 11.95
C GLU C 123 -30.71 -1.58 11.76
N LEU C 124 -29.71 -1.06 11.05
CA LEU C 124 -29.58 0.38 10.90
C LEU C 124 -30.74 0.98 10.13
N ARG C 125 -31.42 0.15 9.31
CA ARG C 125 -32.66 0.60 8.67
C ARG C 125 -33.84 0.58 9.63
N GLN C 126 -33.84 -0.29 10.60
CA GLN C 126 -34.98 -0.43 11.48
C GLN C 126 -34.92 0.59 12.62
N ASP C 127 -33.70 1.04 12.96
CA ASP C 127 -33.58 1.96 14.05
C ASP C 127 -33.62 3.41 13.63
N GLY C 128 -33.59 3.67 12.32
CA GLY C 128 -33.70 4.98 11.77
C GLY C 128 -32.42 5.55 11.25
N THR C 129 -31.28 4.90 11.49
CA THR C 129 -30.00 5.45 11.02
C THR C 129 -30.01 5.62 9.50
N TYR C 130 -30.59 4.66 8.77
CA TYR C 130 -30.65 4.76 7.32
C TYR C 130 -31.35 6.05 6.89
N ASP C 131 -32.54 6.31 7.46
CA ASP C 131 -33.31 7.48 7.04
C ASP C 131 -32.61 8.77 7.41
N LYS C 132 -32.03 8.83 8.62
CA LYS C 132 -31.27 10.01 9.02
C LYS C 132 -30.14 10.27 8.03
N MET C 133 -29.25 9.29 7.86
CA MET C 133 -28.14 9.46 6.92
C MET C 133 -28.65 9.77 5.52
N ALA C 134 -29.76 9.14 5.11
CA ALA C 134 -30.28 9.38 3.77
C ALA C 134 -30.70 10.84 3.59
N LYS C 135 -31.34 11.42 4.61
CA LYS C 135 -31.85 12.78 4.49
C LYS C 135 -30.74 13.81 4.38
N LYS C 136 -29.54 13.49 4.86
CA LYS C 136 -28.41 14.40 4.66
C LYS C 136 -28.20 14.70 3.19
N TYR C 137 -28.37 13.70 2.33
CA TYR C 137 -28.00 13.79 0.93
C TYR C 137 -29.17 14.03 -0.01
N PHE C 138 -30.30 13.39 0.23
CA PHE C 138 -31.36 13.33 -0.76
C PHE C 138 -32.66 13.93 -0.23
N ASP C 139 -33.58 14.18 -1.17
CA ASP C 139 -34.90 14.72 -0.87
C ASP C 139 -36.01 13.79 -1.37
N PHE C 140 -35.68 12.51 -1.57
CA PHE C 140 -36.64 11.51 -2.02
C PHE C 140 -36.26 10.19 -1.36
N ASN C 141 -36.99 9.13 -1.71
CA ASN C 141 -36.72 7.79 -1.19
C ASN C 141 -35.67 7.14 -2.08
N VAL C 142 -34.43 7.10 -1.61
CA VAL C 142 -33.37 6.49 -2.41
C VAL C 142 -33.45 4.97 -2.38
N TYR C 143 -33.93 4.39 -1.27
CA TYR C 143 -34.05 2.94 -1.19
C TYR C 143 -34.90 2.41 -2.33
N GLY C 144 -36.10 2.97 -2.50
CA GLY C 144 -36.99 2.56 -3.56
C GLY C 144 -37.99 1.51 -3.11
N ASP C 145 -38.37 0.62 -4.02
CA ASP C 145 -39.29 -0.46 -3.70
C ASP C 145 -38.56 -1.57 -2.96
#